data_4JON
#
_entry.id   4JON
#
_cell.length_a   95.040
_cell.length_b   183.332
_cell.length_c   97.268
_cell.angle_alpha   90.000
_cell.angle_beta   90.000
_cell.angle_gamma   90.000
#
_symmetry.space_group_name_H-M   'C 2 2 21'
#
loop_
_entity.id
_entity.type
_entity.pdbx_description
1 polymer 'Centrosomal protein of 170 kDa'
2 non-polymer GLYCEROL
3 water water
#
_entity_poly.entity_id   1
_entity_poly.type   'polypeptide(L)'
_entity_poly.pdbx_seq_one_letter_code
;SMSLTSWFLVSSGGTRHRLPREMIFVGRDDCELMLQSRSVDKQHAVINYDASTDEHLVKDLGSLNGTFVNDVRIPEQTYI
TLKLEDKLRFGYDTNLFTVVQGEMRVPEEALKHEKFTIQLQLSQKSS
;
_entity_poly.pdbx_strand_id   A,B,C,D,E
#
loop_
_chem_comp.id
_chem_comp.type
_chem_comp.name
_chem_comp.formula
GOL non-polymer GLYCEROL 'C3 H8 O3'
#
# COMPACT_ATOMS: atom_id res chain seq x y z
N MET A 2 0.08 20.66 -16.56
CA MET A 2 1.01 21.76 -16.36
C MET A 2 1.72 22.14 -17.68
N SER A 3 2.72 23.05 -17.60
CA SER A 3 3.54 23.49 -18.73
C SER A 3 5.01 23.51 -18.29
N LEU A 4 5.87 22.89 -19.10
CA LEU A 4 7.29 22.77 -18.82
C LEU A 4 8.11 23.62 -19.80
N THR A 5 9.14 24.33 -19.29
CA THR A 5 10.06 25.10 -20.12
C THR A 5 11.29 24.21 -20.45
N SER A 6 11.66 24.09 -21.73
CA SER A 6 12.80 23.21 -22.09
C SER A 6 13.50 23.60 -23.39
N TRP A 7 14.76 23.11 -23.56
CA TRP A 7 15.49 23.18 -24.81
C TRP A 7 15.04 21.97 -25.64
N PHE A 8 14.96 22.13 -26.95
CA PHE A 8 14.56 21.06 -27.87
C PHE A 8 15.47 21.02 -29.07
N LEU A 9 15.47 19.88 -29.76
CA LEU A 9 16.08 19.74 -31.09
C LEU A 9 14.93 19.59 -32.06
N VAL A 10 14.86 20.43 -33.10
CA VAL A 10 13.81 20.34 -34.11
C VAL A 10 14.47 19.84 -35.40
N SER A 11 14.12 18.63 -35.81
CA SER A 11 14.68 18.06 -37.03
C SER A 11 14.08 18.63 -38.29
N SER A 12 14.87 18.68 -39.36
CA SER A 12 14.46 19.08 -40.72
C SER A 12 13.43 18.06 -41.26
N GLY A 13 13.38 16.88 -40.64
CA GLY A 13 12.44 15.81 -40.93
C GLY A 13 11.07 15.97 -40.28
N GLY A 14 10.89 17.04 -39.50
CA GLY A 14 9.64 17.40 -38.86
C GLY A 14 9.44 16.98 -37.42
N THR A 15 10.35 16.17 -36.85
CA THR A 15 10.18 15.72 -35.46
C THR A 15 10.80 16.73 -34.47
N ARG A 16 10.31 16.71 -33.23
CA ARG A 16 10.77 17.54 -32.12
C ARG A 16 11.29 16.60 -31.05
N HIS A 17 12.39 16.96 -30.38
CA HIS A 17 13.04 16.10 -29.39
C HIS A 17 13.42 16.93 -28.19
N ARG A 18 12.81 16.65 -27.05
CA ARG A 18 13.04 17.39 -25.81
C ARG A 18 14.40 17.04 -25.25
N LEU A 19 15.21 18.07 -24.92
CA LEU A 19 16.53 17.83 -24.33
C LEU A 19 16.35 17.78 -22.79
N PRO A 20 16.50 16.60 -22.11
CA PRO A 20 16.28 16.56 -20.66
C PRO A 20 17.44 17.16 -19.88
N ARG A 21 17.21 17.45 -18.59
CA ARG A 21 18.23 18.06 -17.74
C ARG A 21 19.15 17.00 -17.16
N GLU A 22 19.74 16.19 -18.06
CA GLU A 22 20.70 15.12 -17.77
C GLU A 22 21.34 14.65 -19.09
N MET A 23 22.40 13.86 -18.98
CA MET A 23 23.12 13.39 -20.12
C MET A 23 22.37 12.32 -20.90
N ILE A 24 22.37 12.46 -22.26
CA ILE A 24 21.79 11.49 -23.16
C ILE A 24 22.81 11.12 -24.23
N PHE A 25 22.68 9.92 -24.80
CA PHE A 25 23.53 9.48 -25.90
C PHE A 25 22.79 9.72 -27.20
N VAL A 26 23.56 9.94 -28.27
CA VAL A 26 23.10 10.10 -29.65
C VAL A 26 23.86 9.05 -30.47
N GLY A 27 23.15 8.29 -31.28
CA GLY A 27 23.81 7.24 -32.05
C GLY A 27 22.84 6.34 -32.80
N ARG A 28 23.39 5.31 -33.44
CA ARG A 28 22.71 4.30 -34.28
C ARG A 28 22.29 3.06 -33.49
N ASP A 29 22.84 2.89 -32.27
CA ASP A 29 22.58 1.68 -31.49
C ASP A 29 22.45 1.95 -30.00
N ASP A 30 21.27 1.64 -29.45
CA ASP A 30 20.91 1.70 -28.03
C ASP A 30 21.25 3.08 -27.41
N CYS A 31 20.73 4.15 -28.04
CA CYS A 31 20.91 5.53 -27.59
C CYS A 31 19.59 6.16 -27.32
N GLU A 32 19.54 7.19 -26.43
CA GLU A 32 18.31 7.93 -26.13
C GLU A 32 17.81 8.63 -27.37
N LEU A 33 18.73 9.21 -28.18
CA LEU A 33 18.37 9.82 -29.45
C LEU A 33 18.95 8.94 -30.57
N MET A 34 18.05 8.21 -31.26
CA MET A 34 18.42 7.25 -32.29
C MET A 34 18.41 7.85 -33.66
N LEU A 35 19.44 7.56 -34.46
CA LEU A 35 19.58 7.98 -35.86
C LEU A 35 19.76 6.72 -36.71
N GLN A 36 19.39 6.74 -37.99
CA GLN A 36 19.48 5.50 -38.78
C GLN A 36 20.71 5.41 -39.71
N SER A 37 21.30 6.52 -40.07
CA SER A 37 22.44 6.58 -41.00
C SER A 37 23.66 5.75 -40.57
N ARG A 38 24.23 5.01 -41.53
CA ARG A 38 25.49 4.27 -41.43
C ARG A 38 26.66 5.23 -41.11
N SER A 39 26.52 6.52 -41.47
CA SER A 39 27.55 7.55 -41.29
C SER A 39 27.63 8.04 -39.84
N VAL A 40 26.72 7.55 -38.98
CA VAL A 40 26.66 7.89 -37.55
C VAL A 40 27.22 6.68 -36.79
N ASP A 41 28.05 6.90 -35.77
CA ASP A 41 28.58 5.80 -34.96
C ASP A 41 27.46 5.16 -34.09
N LYS A 42 27.63 3.90 -33.67
CA LYS A 42 26.69 3.19 -32.76
C LYS A 42 26.42 4.02 -31.48
N GLN A 43 27.47 4.60 -30.87
CA GLN A 43 27.40 5.60 -29.77
C GLN A 43 28.26 6.73 -30.25
N HIS A 44 27.64 7.76 -30.82
CA HIS A 44 28.34 8.81 -31.56
C HIS A 44 28.72 10.02 -30.70
N ALA A 45 27.73 10.51 -29.92
CA ALA A 45 27.90 11.72 -29.12
C ALA A 45 27.03 11.64 -27.87
N VAL A 46 27.29 12.58 -26.94
CA VAL A 46 26.47 12.81 -25.76
C VAL A 46 26.01 14.26 -25.81
N ILE A 47 24.82 14.52 -25.28
CA ILE A 47 24.30 15.86 -25.07
C ILE A 47 24.11 15.95 -23.57
N ASN A 48 24.96 16.75 -22.93
CA ASN A 48 24.91 16.91 -21.48
C ASN A 48 24.23 18.23 -21.11
N TYR A 49 23.94 18.44 -19.83
CA TYR A 49 23.26 19.63 -19.38
C TYR A 49 24.00 20.34 -18.26
N ASP A 50 24.16 21.66 -18.39
CA ASP A 50 24.82 22.46 -17.37
C ASP A 50 23.71 23.18 -16.61
N ALA A 51 23.40 22.69 -15.39
CA ALA A 51 22.35 23.25 -14.54
C ALA A 51 22.63 24.70 -14.13
N SER A 52 23.91 25.12 -14.03
CA SER A 52 24.25 26.48 -13.60
C SER A 52 23.97 27.55 -14.68
N THR A 53 24.20 27.23 -15.97
CA THR A 53 23.97 28.18 -17.06
C THR A 53 22.66 27.88 -17.84
N ASP A 54 21.94 26.79 -17.48
CA ASP A 54 20.73 26.28 -18.14
C ASP A 54 21.01 26.14 -19.66
N GLU A 55 22.06 25.37 -19.99
CA GLU A 55 22.49 25.12 -21.36
C GLU A 55 22.85 23.68 -21.59
N HIS A 56 22.76 23.24 -22.85
CA HIS A 56 23.16 21.90 -23.25
C HIS A 56 24.49 21.99 -23.97
N LEU A 57 25.28 20.92 -23.83
CA LEU A 57 26.61 20.83 -24.44
C LEU A 57 26.73 19.52 -25.16
N VAL A 58 27.26 19.54 -26.37
CA VAL A 58 27.42 18.34 -27.18
C VAL A 58 28.91 17.94 -27.17
N LYS A 59 29.16 16.65 -27.12
CA LYS A 59 30.51 16.10 -27.15
C LYS A 59 30.55 14.93 -28.09
N ASP A 60 31.43 14.97 -29.11
CA ASP A 60 31.63 13.84 -30.00
C ASP A 60 32.51 12.81 -29.25
N LEU A 61 32.09 11.55 -29.22
CA LEU A 61 32.81 10.53 -28.45
C LEU A 61 34.05 9.95 -29.15
N GLY A 62 34.36 10.42 -30.36
CA GLY A 62 35.48 9.94 -31.17
C GLY A 62 34.92 9.14 -32.33
N SER A 63 33.92 9.69 -33.00
CA SER A 63 33.22 9.03 -34.11
C SER A 63 34.02 9.05 -35.40
N LEU A 64 33.66 8.19 -36.34
CA LEU A 64 34.33 8.13 -37.64
C LEU A 64 34.15 9.41 -38.44
N ASN A 65 32.95 10.04 -38.41
CA ASN A 65 32.67 11.18 -39.30
C ASN A 65 32.51 12.52 -38.59
N GLY A 66 32.53 12.51 -37.27
CA GLY A 66 32.42 13.77 -36.53
C GLY A 66 31.00 14.27 -36.32
N THR A 67 30.92 15.39 -35.57
CA THR A 67 29.71 16.09 -35.22
C THR A 67 29.89 17.52 -35.68
N PHE A 68 28.84 18.08 -36.30
CA PHE A 68 28.89 19.40 -36.90
C PHE A 68 27.93 20.37 -36.23
N VAL A 69 28.46 21.53 -35.84
CA VAL A 69 27.72 22.65 -35.27
C VAL A 69 27.92 23.81 -36.25
N ASN A 70 26.84 24.25 -36.90
CA ASN A 70 26.83 25.33 -37.91
C ASN A 70 27.85 25.02 -39.04
N ASP A 71 27.85 23.75 -39.51
CA ASP A 71 28.69 23.17 -40.58
C ASP A 71 30.18 23.11 -40.20
N VAL A 72 30.52 23.27 -38.92
CA VAL A 72 31.89 23.18 -38.46
C VAL A 72 32.05 21.87 -37.70
N ARG A 73 33.02 21.02 -38.11
CA ARG A 73 33.33 19.78 -37.42
C ARG A 73 33.93 20.13 -36.06
N ILE A 74 33.30 19.72 -34.96
CA ILE A 74 33.78 20.10 -33.62
C ILE A 74 35.00 19.25 -33.23
N PRO A 75 35.92 19.71 -32.34
CA PRO A 75 37.04 18.84 -31.95
C PRO A 75 36.50 17.65 -31.18
N GLU A 76 37.10 16.45 -31.35
CA GLU A 76 36.54 15.30 -30.65
C GLU A 76 36.80 15.36 -29.15
N GLN A 77 35.93 14.68 -28.40
CA GLN A 77 35.96 14.52 -26.95
C GLN A 77 36.05 15.89 -26.23
N THR A 78 35.40 16.92 -26.81
CA THR A 78 35.37 18.31 -26.32
C THR A 78 33.91 18.79 -26.26
N TYR A 79 33.50 19.33 -25.09
CA TYR A 79 32.14 19.84 -24.94
C TYR A 79 31.99 21.17 -25.67
N ILE A 80 30.97 21.29 -26.50
CA ILE A 80 30.63 22.50 -27.25
C ILE A 80 29.27 22.93 -26.79
N THR A 81 29.14 24.20 -26.39
CA THR A 81 27.87 24.72 -25.89
C THR A 81 26.94 24.94 -27.05
N LEU A 82 25.73 24.42 -26.92
CA LEU A 82 24.67 24.59 -27.91
C LEU A 82 23.95 25.91 -27.64
N LYS A 83 23.85 26.74 -28.66
CA LYS A 83 23.19 28.04 -28.57
C LYS A 83 21.90 28.03 -29.38
N LEU A 84 20.96 28.93 -29.06
CA LEU A 84 19.71 29.09 -29.80
C LEU A 84 19.98 29.26 -31.29
N GLU A 85 19.22 28.51 -32.14
CA GLU A 85 19.30 28.56 -33.61
C GLU A 85 20.55 27.84 -34.19
N ASP A 86 21.38 27.19 -33.35
CA ASP A 86 22.50 26.38 -33.86
C ASP A 86 21.95 25.24 -34.71
N LYS A 87 22.69 24.88 -35.74
CA LYS A 87 22.34 23.78 -36.64
C LYS A 87 23.27 22.65 -36.28
N LEU A 88 22.69 21.52 -35.86
CA LEU A 88 23.45 20.39 -35.39
C LEU A 88 23.21 19.16 -36.25
N ARG A 89 24.31 18.54 -36.71
CA ARG A 89 24.25 17.33 -37.53
C ARG A 89 25.29 16.33 -37.01
N PHE A 90 24.88 15.06 -36.89
CA PHE A 90 25.75 14.01 -36.46
C PHE A 90 26.20 13.23 -37.71
N GLY A 91 27.52 13.12 -37.93
CA GLY A 91 28.06 12.45 -39.10
C GLY A 91 27.48 13.11 -40.33
N TYR A 92 26.95 12.32 -41.26
CA TYR A 92 26.33 12.81 -42.49
C TYR A 92 24.88 12.37 -42.53
N ASP A 93 24.27 12.25 -41.33
CA ASP A 93 22.85 11.91 -41.17
C ASP A 93 22.01 13.03 -41.83
N THR A 94 20.85 12.67 -42.42
CA THR A 94 20.00 13.63 -43.13
C THR A 94 19.24 14.58 -42.18
N ASN A 95 19.18 14.27 -40.88
CA ASN A 95 18.53 15.16 -39.93
C ASN A 95 19.42 16.34 -39.59
N LEU A 96 18.97 17.52 -39.93
CA LEU A 96 19.62 18.73 -39.50
C LEU A 96 18.78 19.23 -38.34
N PHE A 97 19.36 19.27 -37.12
CA PHE A 97 18.61 19.70 -35.95
C PHE A 97 18.85 21.18 -35.66
N THR A 98 17.75 21.89 -35.38
CA THR A 98 17.83 23.29 -34.94
C THR A 98 17.61 23.29 -33.43
N VAL A 99 18.53 23.96 -32.70
CA VAL A 99 18.48 24.13 -31.24
C VAL A 99 17.48 25.26 -30.92
N VAL A 100 16.39 24.91 -30.22
CA VAL A 100 15.37 25.87 -29.83
C VAL A 100 15.07 25.72 -28.32
N GLN A 101 14.36 26.69 -27.77
CA GLN A 101 13.89 26.69 -26.39
C GLN A 101 12.44 27.09 -26.40
N GLY A 102 11.63 26.44 -25.56
CA GLY A 102 10.20 26.74 -25.48
C GLY A 102 9.45 26.09 -24.34
N GLU A 103 8.14 26.36 -24.31
CA GLU A 103 7.19 25.82 -23.34
C GLU A 103 6.45 24.64 -23.96
N MET A 104 6.42 23.50 -23.27
CA MET A 104 5.69 22.33 -23.76
C MET A 104 4.60 21.94 -22.75
N ARG A 105 3.56 21.28 -23.25
CA ARG A 105 2.44 20.84 -22.41
C ARG A 105 2.74 19.44 -21.84
N VAL A 106 2.70 19.34 -20.51
CA VAL A 106 2.89 18.09 -19.78
C VAL A 106 1.51 17.38 -19.83
N PRO A 107 1.37 16.21 -20.48
CA PRO A 107 0.04 15.55 -20.49
C PRO A 107 -0.42 15.20 -19.08
N GLU A 108 -1.72 15.30 -18.84
CA GLU A 108 -2.28 15.02 -17.51
C GLU A 108 -1.94 13.62 -17.02
N GLU A 109 -1.81 12.63 -17.94
CA GLU A 109 -1.44 11.25 -17.62
C GLU A 109 -0.07 11.18 -16.93
N ALA A 110 0.92 12.00 -17.37
CA ALA A 110 2.28 12.06 -16.81
C ALA A 110 2.29 12.53 -15.34
N LEU A 111 1.30 13.35 -14.94
CA LEU A 111 1.16 13.84 -13.56
C LEU A 111 0.62 12.74 -12.60
N LYS A 112 0.19 11.57 -13.12
CA LYS A 112 -0.24 10.43 -12.30
C LYS A 112 1.00 9.66 -11.82
N HIS A 113 2.17 9.98 -12.40
CA HIS A 113 3.44 9.33 -12.06
C HIS A 113 4.12 10.14 -10.95
N GLU A 114 4.16 9.55 -9.74
CA GLU A 114 4.73 10.14 -8.51
C GLU A 114 6.16 10.65 -8.69
N LYS A 115 7.09 9.78 -9.14
CA LYS A 115 8.50 10.10 -9.36
C LYS A 115 8.65 11.24 -10.36
N PHE A 116 7.95 11.17 -11.53
CA PHE A 116 8.00 12.23 -12.55
C PHE A 116 7.53 13.58 -11.97
N THR A 117 6.37 13.59 -11.28
CA THR A 117 5.74 14.79 -10.70
C THR A 117 6.66 15.46 -9.67
N ILE A 118 7.34 14.68 -8.80
CA ILE A 118 8.27 15.18 -7.78
C ILE A 118 9.43 15.90 -8.49
N GLN A 119 10.02 15.25 -9.52
CA GLN A 119 11.13 15.81 -10.33
C GLN A 119 10.68 17.06 -11.12
N LEU A 120 9.37 17.17 -11.43
CA LEU A 120 8.79 18.32 -12.11
C LEU A 120 8.61 19.49 -11.12
N GLN A 121 8.09 19.20 -9.91
CA GLN A 121 7.88 20.17 -8.83
C GLN A 121 9.22 20.71 -8.30
N LEU A 122 10.27 19.86 -8.25
CA LEU A 122 11.61 20.26 -7.81
C LEU A 122 12.36 21.03 -8.92
N SER A 123 11.85 21.00 -10.16
CA SER A 123 12.44 21.70 -11.31
C SER A 123 12.10 23.19 -11.24
N MET B 2 -16.28 -18.08 -12.23
CA MET B 2 -16.41 -16.79 -12.92
C MET B 2 -15.22 -16.50 -13.84
N SER B 3 -15.50 -16.05 -15.07
CA SER B 3 -14.49 -15.73 -16.06
C SER B 3 -14.73 -14.35 -16.69
N LEU B 4 -13.65 -13.80 -17.22
CA LEU B 4 -13.56 -12.50 -17.86
C LEU B 4 -12.77 -12.62 -19.14
N THR B 5 -12.90 -11.62 -20.00
CA THR B 5 -12.04 -11.48 -21.15
C THR B 5 -10.93 -10.51 -20.71
N SER B 6 -9.77 -10.70 -21.26
CA SER B 6 -8.65 -9.83 -21.02
C SER B 6 -7.88 -9.64 -22.31
N TRP B 7 -7.24 -8.46 -22.45
CA TRP B 7 -6.34 -8.15 -23.52
C TRP B 7 -4.95 -8.43 -23.02
N PHE B 8 -4.05 -8.77 -23.95
CA PHE B 8 -2.66 -9.06 -23.59
C PHE B 8 -1.73 -8.44 -24.61
N LEU B 9 -0.49 -8.16 -24.19
CA LEU B 9 0.61 -7.84 -25.09
C LEU B 9 1.47 -9.09 -25.13
N VAL B 10 1.68 -9.70 -26.31
CA VAL B 10 2.46 -10.92 -26.42
C VAL B 10 3.79 -10.54 -27.07
N SER B 11 4.91 -10.76 -26.36
CA SER B 11 6.25 -10.47 -26.91
C SER B 11 6.51 -11.40 -28.08
N SER B 12 7.57 -11.14 -28.88
CA SER B 12 7.87 -11.97 -30.03
C SER B 12 8.15 -13.44 -29.65
N GLY B 13 8.64 -13.70 -28.43
CA GLY B 13 8.87 -15.07 -27.96
C GLY B 13 7.63 -15.81 -27.42
N GLY B 14 6.51 -15.09 -27.33
CA GLY B 14 5.25 -15.63 -26.81
C GLY B 14 4.96 -15.27 -25.36
N THR B 15 5.78 -14.40 -24.74
CA THR B 15 5.54 -14.02 -23.33
C THR B 15 4.27 -13.18 -23.24
N ARG B 16 3.31 -13.63 -22.43
CA ARG B 16 2.01 -12.97 -22.28
C ARG B 16 1.94 -11.96 -21.13
N HIS B 17 1.77 -10.66 -21.47
CA HIS B 17 1.62 -9.57 -20.50
C HIS B 17 0.15 -9.24 -20.40
N ARG B 18 -0.50 -9.64 -19.30
CA ARG B 18 -1.93 -9.45 -19.10
C ARG B 18 -2.19 -7.99 -18.71
N LEU B 19 -2.92 -7.26 -19.57
CA LEU B 19 -3.21 -5.84 -19.36
C LEU B 19 -4.32 -5.62 -18.33
N PRO B 20 -4.09 -4.75 -17.32
CA PRO B 20 -5.17 -4.44 -16.37
C PRO B 20 -6.19 -3.45 -16.95
N ARG B 21 -7.37 -3.41 -16.33
CA ARG B 21 -8.44 -2.49 -16.75
C ARG B 21 -8.25 -1.13 -16.10
N GLU B 22 -7.05 -0.56 -16.26
CA GLU B 22 -6.68 0.76 -15.74
C GLU B 22 -5.40 1.20 -16.42
N MET B 23 -5.05 2.48 -16.26
CA MET B 23 -3.86 3.02 -16.92
C MET B 23 -2.53 2.49 -16.33
N ILE B 24 -1.59 2.16 -17.23
CA ILE B 24 -0.24 1.75 -16.86
C ILE B 24 0.73 2.60 -17.63
N PHE B 25 1.96 2.71 -17.10
CA PHE B 25 3.04 3.38 -17.77
C PHE B 25 3.94 2.35 -18.44
N VAL B 26 4.54 2.78 -19.55
CA VAL B 26 5.53 1.99 -20.30
C VAL B 26 6.78 2.81 -20.32
N GLY B 27 7.91 2.20 -20.03
CA GLY B 27 9.15 2.95 -20.04
C GLY B 27 10.35 2.17 -19.54
N ARG B 28 11.44 2.88 -19.39
CA ARG B 28 12.71 2.30 -18.99
C ARG B 28 12.96 2.51 -17.48
N ASP B 29 12.16 3.36 -16.83
CA ASP B 29 12.36 3.64 -15.40
C ASP B 29 11.06 3.78 -14.64
N ASP B 30 10.90 2.94 -13.58
CA ASP B 30 9.78 2.96 -12.64
C ASP B 30 8.40 2.96 -13.36
N CYS B 31 8.21 1.96 -14.26
CA CYS B 31 7.00 1.79 -15.04
C CYS B 31 6.44 0.40 -14.80
N GLU B 32 5.13 0.22 -15.03
CA GLU B 32 4.50 -1.11 -14.93
C GLU B 32 5.08 -2.00 -16.04
N LEU B 33 5.15 -1.48 -17.29
CA LEU B 33 5.72 -2.25 -18.38
C LEU B 33 7.15 -1.73 -18.64
N MET B 34 8.14 -2.52 -18.23
CA MET B 34 9.55 -2.14 -18.27
C MET B 34 10.27 -2.62 -19.49
N LEU B 35 11.04 -1.71 -20.15
CA LEU B 35 11.85 -2.02 -21.33
C LEU B 35 13.29 -1.64 -21.02
N GLN B 36 14.25 -2.32 -21.61
CA GLN B 36 15.66 -2.11 -21.30
C GLN B 36 16.36 -1.08 -22.17
N SER B 37 15.96 -0.97 -23.42
CA SER B 37 16.61 -0.11 -24.41
C SER B 37 16.67 1.36 -23.98
N ARG B 38 17.83 2.02 -24.22
CA ARG B 38 18.01 3.47 -23.99
C ARG B 38 17.16 4.26 -24.95
N SER B 39 16.72 3.63 -26.07
CA SER B 39 15.91 4.25 -27.10
C SER B 39 14.46 4.43 -26.58
N VAL B 40 14.16 3.93 -25.40
CA VAL B 40 12.85 4.07 -24.72
C VAL B 40 13.01 5.15 -23.66
N ASP B 41 12.10 6.13 -23.60
CA ASP B 41 12.13 7.14 -22.53
C ASP B 41 11.87 6.51 -21.15
N LYS B 42 12.36 7.15 -20.10
CA LYS B 42 12.18 6.73 -18.70
C LYS B 42 10.67 6.51 -18.41
N GLN B 43 9.80 7.45 -18.85
CA GLN B 43 8.32 7.33 -18.89
C GLN B 43 7.96 7.66 -20.33
N HIS B 44 7.71 6.63 -21.13
CA HIS B 44 7.59 6.75 -22.58
C HIS B 44 6.16 6.89 -23.07
N ALA B 45 5.30 6.00 -22.58
CA ALA B 45 3.91 5.93 -23.02
C ALA B 45 3.02 5.47 -21.87
N VAL B 46 1.71 5.58 -22.10
CA VAL B 46 0.69 5.03 -21.23
C VAL B 46 -0.18 4.11 -22.08
N ILE B 47 -0.72 3.06 -21.44
CA ILE B 47 -1.71 2.18 -22.02
C ILE B 47 -2.89 2.31 -21.10
N ASN B 48 -3.97 2.93 -21.61
CA ASN B 48 -5.18 3.15 -20.86
C ASN B 48 -6.27 2.14 -21.26
N TYR B 49 -7.37 2.11 -20.51
CA TYR B 49 -8.45 1.17 -20.81
C TYR B 49 -9.79 1.89 -20.87
N ASP B 50 -10.60 1.60 -21.91
CA ASP B 50 -11.94 2.19 -22.00
C ASP B 50 -12.92 1.08 -21.64
N ALA B 51 -13.54 1.18 -20.45
CA ALA B 51 -14.49 0.14 -20.00
C ALA B 51 -15.78 0.10 -20.83
N SER B 52 -16.16 1.21 -21.50
CA SER B 52 -17.40 1.19 -22.27
C SER B 52 -17.25 0.44 -23.61
N THR B 53 -16.06 0.48 -24.25
CA THR B 53 -15.84 -0.22 -25.51
C THR B 53 -15.02 -1.52 -25.32
N ASP B 54 -14.53 -1.78 -24.08
CA ASP B 54 -13.65 -2.89 -23.69
C ASP B 54 -12.42 -2.92 -24.63
N GLU B 55 -11.67 -1.80 -24.67
CA GLU B 55 -10.48 -1.66 -25.51
C GLU B 55 -9.38 -0.95 -24.79
N HIS B 56 -8.11 -1.22 -25.18
CA HIS B 56 -6.96 -0.51 -24.65
C HIS B 56 -6.52 0.52 -25.69
N LEU B 57 -5.92 1.62 -25.20
CA LEU B 57 -5.47 2.72 -26.02
C LEU B 57 -4.06 3.09 -25.60
N VAL B 58 -3.21 3.32 -26.57
CA VAL B 58 -1.83 3.72 -26.30
C VAL B 58 -1.65 5.22 -26.64
N LYS B 59 -0.89 5.90 -25.77
CA LYS B 59 -0.53 7.29 -25.95
C LYS B 59 0.98 7.47 -25.70
N ASP B 60 1.70 8.05 -26.67
CA ASP B 60 3.10 8.42 -26.53
C ASP B 60 3.16 9.73 -25.74
N LEU B 61 3.96 9.77 -24.66
CA LEU B 61 3.95 10.94 -23.78
C LEU B 61 4.84 12.11 -24.28
N GLY B 62 5.43 11.96 -25.47
CA GLY B 62 6.30 12.96 -26.08
C GLY B 62 7.73 12.46 -25.99
N SER B 63 7.93 11.21 -26.39
CA SER B 63 9.22 10.52 -26.27
C SER B 63 10.21 10.95 -27.33
N LEU B 64 11.49 10.68 -27.10
CA LEU B 64 12.56 11.04 -28.04
C LEU B 64 12.44 10.30 -29.37
N ASN B 65 12.07 9.00 -29.35
CA ASN B 65 12.09 8.19 -30.57
C ASN B 65 10.71 7.72 -31.04
N GLY B 66 9.65 7.98 -30.28
CA GLY B 66 8.30 7.64 -30.69
C GLY B 66 7.84 6.24 -30.33
N THR B 67 6.57 5.96 -30.59
CA THR B 67 5.85 4.70 -30.39
C THR B 67 5.30 4.32 -31.76
N PHE B 68 5.42 3.05 -32.10
CA PHE B 68 5.03 2.54 -33.40
C PHE B 68 3.94 1.48 -33.31
N VAL B 69 2.86 1.69 -34.09
CA VAL B 69 1.74 0.74 -34.23
C VAL B 69 1.73 0.34 -35.70
N ASN B 70 2.01 -0.95 -35.97
CA ASN B 70 2.11 -1.53 -37.32
C ASN B 70 3.11 -0.73 -38.18
N ASP B 71 4.31 -0.44 -37.59
CA ASP B 71 5.45 0.29 -38.17
C ASP B 71 5.15 1.76 -38.46
N VAL B 72 4.05 2.30 -37.97
CA VAL B 72 3.70 3.70 -38.17
C VAL B 72 3.92 4.44 -36.86
N ARG B 73 4.70 5.54 -36.89
CA ARG B 73 4.94 6.40 -35.73
C ARG B 73 3.62 7.07 -35.38
N ILE B 74 3.12 6.85 -34.19
CA ILE B 74 1.82 7.43 -33.80
C ILE B 74 2.01 8.90 -33.42
N PRO B 75 1.03 9.82 -33.70
CA PRO B 75 1.25 11.23 -33.32
C PRO B 75 1.33 11.32 -31.81
N GLU B 76 2.28 12.10 -31.27
CA GLU B 76 2.45 12.17 -29.82
C GLU B 76 1.23 12.77 -29.11
N GLN B 77 1.05 12.33 -27.86
CA GLN B 77 0.05 12.80 -26.92
C GLN B 77 -1.39 12.65 -27.51
N THR B 78 -1.62 11.61 -28.31
CA THR B 78 -2.93 11.27 -28.82
C THR B 78 -3.17 9.80 -28.43
N TYR B 79 -4.43 9.38 -28.27
CA TYR B 79 -4.75 7.98 -27.93
C TYR B 79 -5.08 7.18 -29.21
N ILE B 80 -4.35 6.07 -29.39
CA ILE B 80 -4.57 5.17 -30.50
C ILE B 80 -5.19 3.90 -29.94
N THR B 81 -6.33 3.50 -30.49
CA THR B 81 -7.00 2.28 -30.06
C THR B 81 -6.18 1.06 -30.53
N LEU B 82 -5.89 0.15 -29.61
CA LEU B 82 -5.18 -1.07 -29.91
C LEU B 82 -6.19 -2.11 -30.42
N LYS B 83 -5.93 -2.66 -31.60
CA LYS B 83 -6.80 -3.65 -32.22
C LYS B 83 -6.13 -4.99 -32.22
N LEU B 84 -6.92 -6.06 -32.32
CA LEU B 84 -6.42 -7.43 -32.42
C LEU B 84 -5.38 -7.56 -33.53
N GLU B 85 -4.22 -8.17 -33.21
CA GLU B 85 -3.09 -8.45 -34.14
C GLU B 85 -2.23 -7.23 -34.43
N ASP B 86 -2.53 -6.06 -33.80
CA ASP B 86 -1.65 -4.87 -33.95
C ASP B 86 -0.24 -5.20 -33.41
N LYS B 87 0.78 -4.66 -34.06
CA LYS B 87 2.18 -4.83 -33.68
C LYS B 87 2.64 -3.53 -33.06
N LEU B 88 3.08 -3.60 -31.81
CA LEU B 88 3.40 -2.43 -31.01
C LEU B 88 4.86 -2.46 -30.56
N ARG B 89 5.58 -1.36 -30.86
CA ARG B 89 6.98 -1.20 -30.50
C ARG B 89 7.19 0.20 -29.88
N PHE B 90 7.97 0.27 -28.81
CA PHE B 90 8.29 1.54 -28.14
C PHE B 90 9.73 1.90 -28.49
N GLY B 91 9.94 3.11 -29.03
CA GLY B 91 11.25 3.53 -29.50
C GLY B 91 11.81 2.55 -30.50
N TYR B 92 13.06 2.14 -30.30
CA TYR B 92 13.74 1.14 -31.12
C TYR B 92 14.06 -0.09 -30.25
N ASP B 93 13.22 -0.31 -29.21
CA ASP B 93 13.35 -1.50 -28.37
C ASP B 93 13.12 -2.77 -29.24
N THR B 94 13.85 -3.85 -28.97
CA THR B 94 13.76 -5.10 -29.77
C THR B 94 12.43 -5.86 -29.53
N ASN B 95 11.70 -5.58 -28.44
CA ASN B 95 10.40 -6.21 -28.23
C ASN B 95 9.33 -5.72 -29.17
N LEU B 96 8.79 -6.62 -29.95
CA LEU B 96 7.66 -6.34 -30.79
C LEU B 96 6.48 -7.05 -30.13
N PHE B 97 5.52 -6.26 -29.64
CA PHE B 97 4.35 -6.84 -28.99
C PHE B 97 3.18 -7.01 -29.94
N THR B 98 2.48 -8.15 -29.82
CA THR B 98 1.26 -8.42 -30.57
C THR B 98 0.10 -8.25 -29.61
N VAL B 99 -0.94 -7.54 -30.04
CA VAL B 99 -2.15 -7.29 -29.26
C VAL B 99 -3.09 -8.46 -29.48
N VAL B 100 -3.42 -9.17 -28.39
CA VAL B 100 -4.34 -10.31 -28.45
C VAL B 100 -5.36 -10.17 -27.34
N GLN B 101 -6.46 -10.89 -27.47
CA GLN B 101 -7.52 -10.95 -26.48
C GLN B 101 -7.82 -12.44 -26.21
N GLY B 102 -8.04 -12.76 -24.94
CA GLY B 102 -8.37 -14.11 -24.50
C GLY B 102 -9.22 -14.10 -23.25
N GLU B 103 -9.57 -15.30 -22.79
CA GLU B 103 -10.39 -15.46 -21.58
C GLU B 103 -9.48 -15.78 -20.40
N MET B 104 -9.85 -15.25 -19.24
CA MET B 104 -9.14 -15.45 -17.98
C MET B 104 -10.17 -15.70 -16.90
N ARG B 105 -9.93 -16.69 -16.06
CA ARG B 105 -10.80 -16.91 -14.92
C ARG B 105 -10.51 -15.86 -13.86
N VAL B 106 -11.52 -15.57 -13.06
CA VAL B 106 -11.34 -14.75 -11.87
C VAL B 106 -10.93 -15.80 -10.82
N PRO B 107 -9.68 -15.82 -10.29
CA PRO B 107 -9.35 -16.88 -9.31
C PRO B 107 -10.22 -16.75 -8.06
N GLU B 108 -10.64 -17.88 -7.49
CA GLU B 108 -11.49 -17.85 -6.29
C GLU B 108 -10.78 -17.18 -5.09
N GLU B 109 -9.43 -17.25 -5.04
CA GLU B 109 -8.60 -16.60 -4.02
C GLU B 109 -8.79 -15.08 -4.02
N ALA B 110 -8.89 -14.50 -5.22
CA ALA B 110 -9.05 -13.07 -5.43
C ALA B 110 -10.38 -12.53 -4.86
N LEU B 111 -11.38 -13.40 -4.67
CA LEU B 111 -12.68 -13.04 -4.09
C LEU B 111 -12.55 -12.73 -2.60
N LYS B 112 -11.45 -13.17 -1.97
CA LYS B 112 -11.16 -12.95 -0.55
C LYS B 112 -10.54 -11.56 -0.32
N HIS B 113 -10.24 -10.81 -1.40
CA HIS B 113 -9.61 -9.51 -1.31
C HIS B 113 -10.60 -8.38 -1.63
N GLU B 114 -10.92 -7.53 -0.62
CA GLU B 114 -11.83 -6.38 -0.74
C GLU B 114 -11.44 -5.41 -1.88
N LYS B 115 -10.20 -4.89 -1.85
CA LYS B 115 -9.68 -3.92 -2.82
C LYS B 115 -9.69 -4.47 -4.25
N PHE B 116 -9.35 -5.75 -4.44
CA PHE B 116 -9.39 -6.40 -5.75
C PHE B 116 -10.85 -6.46 -6.27
N THR B 117 -11.80 -6.91 -5.41
CA THR B 117 -13.23 -7.06 -5.71
C THR B 117 -13.85 -5.69 -6.13
N ILE B 118 -13.49 -4.59 -5.44
CA ILE B 118 -13.98 -3.24 -5.73
C ILE B 118 -13.51 -2.83 -7.15
N GLN B 119 -12.21 -3.03 -7.48
CA GLN B 119 -11.64 -2.72 -8.79
C GLN B 119 -12.35 -3.56 -9.87
N LEU B 120 -12.65 -4.83 -9.56
CA LEU B 120 -13.35 -5.77 -10.46
C LEU B 120 -14.77 -5.25 -10.78
N GLN B 121 -15.51 -4.84 -9.73
CA GLN B 121 -16.87 -4.31 -9.84
C GLN B 121 -16.90 -2.96 -10.60
N LEU B 122 -15.88 -2.09 -10.36
CA LEU B 122 -15.76 -0.77 -10.98
C LEU B 122 -15.27 -0.83 -12.44
N SER B 123 -14.46 -1.85 -12.80
CA SER B 123 -13.89 -2.01 -14.14
C SER B 123 -14.75 -2.94 -15.05
N GLN B 124 -15.97 -3.32 -14.61
CA GLN B 124 -16.91 -4.18 -15.34
C GLN B 124 -17.26 -3.62 -16.74
N MET C 2 8.84 -20.47 23.36
CA MET C 2 8.64 -21.75 22.67
C MET C 2 9.19 -21.70 21.24
N SER C 3 9.52 -22.88 20.69
CA SER C 3 10.08 -23.08 19.34
C SER C 3 9.23 -24.07 18.53
N LEU C 4 8.97 -23.75 17.25
CA LEU C 4 8.18 -24.58 16.31
C LEU C 4 8.90 -24.72 14.96
N THR C 5 8.18 -25.18 13.91
CA THR C 5 8.75 -25.30 12.57
C THR C 5 7.95 -24.44 11.55
N SER C 6 8.68 -23.81 10.63
CA SER C 6 8.04 -22.98 9.60
C SER C 6 8.89 -22.85 8.37
N TRP C 7 8.21 -22.61 7.23
CA TRP C 7 8.83 -22.24 5.96
C TRP C 7 9.02 -20.72 5.98
N PHE C 8 10.05 -20.23 5.30
CA PHE C 8 10.34 -18.80 5.22
C PHE C 8 10.76 -18.42 3.83
N LEU C 9 10.65 -17.13 3.52
CA LEU C 9 11.21 -16.53 2.34
C LEU C 9 12.35 -15.65 2.81
N VAL C 10 13.58 -15.91 2.32
CA VAL C 10 14.75 -15.10 2.69
C VAL C 10 15.09 -14.26 1.46
N SER C 11 14.99 -12.95 1.59
CA SER C 11 15.27 -12.04 0.47
C SER C 11 16.77 -11.78 0.30
N SER C 12 17.16 -11.55 -0.97
CA SER C 12 18.51 -11.11 -1.38
C SER C 12 18.79 -9.72 -0.76
N GLY C 13 17.73 -9.04 -0.32
CA GLY C 13 17.78 -7.75 0.34
C GLY C 13 18.09 -7.84 1.82
N GLY C 14 18.19 -9.06 2.33
CA GLY C 14 18.54 -9.33 3.72
C GLY C 14 17.41 -9.60 4.69
N THR C 15 16.15 -9.43 4.27
CA THR C 15 15.02 -9.65 5.16
C THR C 15 14.54 -11.10 5.10
N ARG C 16 13.89 -11.52 6.18
CA ARG C 16 13.32 -12.85 6.34
C ARG C 16 11.81 -12.65 6.48
N HIS C 17 11.02 -13.56 5.89
CA HIS C 17 9.56 -13.47 5.88
C HIS C 17 8.95 -14.83 6.17
N ARG C 18 8.28 -14.95 7.33
CA ARG C 18 7.64 -16.19 7.75
C ARG C 18 6.42 -16.49 6.90
N LEU C 19 6.37 -17.71 6.34
CA LEU C 19 5.19 -18.08 5.58
C LEU C 19 4.17 -18.71 6.55
N PRO C 20 2.97 -18.13 6.69
CA PRO C 20 2.00 -18.70 7.65
C PRO C 20 1.28 -19.89 7.05
N ARG C 21 0.61 -20.68 7.91
CA ARG C 21 -0.13 -21.86 7.48
C ARG C 21 -1.55 -21.48 7.02
N GLU C 22 -1.60 -20.54 6.08
CA GLU C 22 -2.82 -20.02 5.46
C GLU C 22 -2.43 -19.19 4.24
N MET C 23 -3.40 -18.90 3.38
CA MET C 23 -3.16 -18.13 2.18
C MET C 23 -2.82 -16.66 2.47
N ILE C 24 -1.83 -16.11 1.77
CA ILE C 24 -1.48 -14.70 1.83
C ILE C 24 -1.44 -14.16 0.39
N PHE C 25 -1.64 -12.86 0.24
CA PHE C 25 -1.49 -12.16 -1.02
C PHE C 25 -0.11 -11.56 -1.10
N VAL C 26 0.40 -11.43 -2.31
CA VAL C 26 1.67 -10.79 -2.66
C VAL C 26 1.33 -9.71 -3.66
N GLY C 27 1.84 -8.50 -3.45
CA GLY C 27 1.54 -7.41 -4.37
C GLY C 27 2.07 -6.08 -3.94
N ARG C 28 1.75 -5.05 -4.74
CA ARG C 28 2.21 -3.68 -4.52
C ARG C 28 1.17 -2.88 -3.67
N ASP C 29 -0.07 -3.41 -3.50
CA ASP C 29 -1.10 -2.67 -2.78
C ASP C 29 -1.98 -3.55 -1.90
N ASP C 30 -2.01 -3.23 -0.59
CA ASP C 30 -2.83 -3.88 0.43
C ASP C 30 -2.70 -5.43 0.40
N CYS C 31 -1.47 -5.91 0.51
CA CYS C 31 -1.16 -7.34 0.50
C CYS C 31 -0.40 -7.69 1.75
N GLU C 32 -0.45 -8.97 2.17
CA GLU C 32 0.32 -9.42 3.36
C GLU C 32 1.79 -9.31 3.09
N LEU C 33 2.23 -9.63 1.86
CA LEU C 33 3.62 -9.48 1.46
C LEU C 33 3.66 -8.37 0.41
N MET C 34 4.17 -7.21 0.82
CA MET C 34 4.22 -5.98 0.02
C MET C 34 5.52 -5.81 -0.70
N LEU C 35 5.47 -5.44 -1.97
CA LEU C 35 6.64 -5.17 -2.83
C LEU C 35 6.44 -3.77 -3.37
N GLN C 36 7.50 -3.01 -3.57
CA GLN C 36 7.38 -1.62 -3.99
CA GLN C 36 7.37 -1.62 -3.99
C GLN C 36 7.43 -1.41 -5.51
N SER C 37 7.99 -2.34 -6.26
CA SER C 37 8.12 -2.24 -7.71
C SER C 37 6.77 -2.04 -8.46
N ARG C 38 6.71 -1.08 -9.38
CA ARG C 38 5.55 -0.87 -10.26
C ARG C 38 5.35 -2.07 -11.22
N SER C 39 6.44 -2.86 -11.43
CA SER C 39 6.44 -4.05 -12.32
C SER C 39 5.69 -5.20 -11.67
N VAL C 40 5.26 -5.01 -10.43
CA VAL C 40 4.48 -5.96 -9.64
C VAL C 40 3.03 -5.43 -9.61
N ASP C 41 2.03 -6.30 -9.89
CA ASP C 41 0.60 -5.87 -9.87
C ASP C 41 0.17 -5.53 -8.42
N LYS C 42 -0.86 -4.72 -8.28
CA LYS C 42 -1.46 -4.32 -6.99
C LYS C 42 -1.79 -5.56 -6.14
N GLN C 43 -2.42 -6.60 -6.75
CA GLN C 43 -2.62 -7.96 -6.17
C GLN C 43 -2.04 -8.88 -7.25
N HIS C 44 -0.82 -9.38 -7.05
CA HIS C 44 -0.02 -10.05 -8.07
C HIS C 44 -0.12 -11.58 -8.00
N ALA C 45 0.06 -12.12 -6.79
CA ALA C 45 0.07 -13.55 -6.54
C ALA C 45 -0.48 -13.90 -5.17
N VAL C 46 -0.69 -15.20 -4.95
CA VAL C 46 -1.04 -15.74 -3.63
C VAL C 46 -0.02 -16.82 -3.30
N ILE C 47 0.28 -16.96 -2.01
CA ILE C 47 1.09 -18.08 -1.52
C ILE C 47 0.15 -18.84 -0.61
N ASN C 48 -0.23 -20.05 -1.00
CA ASN C 48 -1.16 -20.86 -0.21
C ASN C 48 -0.41 -21.98 0.53
N TYR C 49 -1.12 -22.68 1.43
CA TYR C 49 -0.50 -23.73 2.24
C TYR C 49 -1.31 -25.02 2.17
N ASP C 50 -0.61 -26.14 1.92
CA ASP C 50 -1.23 -27.46 1.90
C ASP C 50 -0.86 -28.13 3.24
N ALA C 51 -1.82 -28.16 4.19
CA ALA C 51 -1.62 -28.76 5.53
C ALA C 51 -1.31 -30.28 5.50
N SER C 52 -1.79 -31.01 4.49
CA SER C 52 -1.57 -32.47 4.42
C SER C 52 -0.12 -32.83 4.01
N THR C 53 0.55 -32.01 3.17
CA THR C 53 1.93 -32.29 2.76
C THR C 53 2.94 -31.34 3.45
N ASP C 54 2.45 -30.36 4.25
CA ASP C 54 3.24 -29.30 4.91
C ASP C 54 4.10 -28.55 3.85
N GLU C 55 3.44 -28.01 2.82
CA GLU C 55 4.10 -27.30 1.74
C GLU C 55 3.35 -26.04 1.33
N HIS C 56 4.08 -25.06 0.79
CA HIS C 56 3.51 -23.82 0.26
C HIS C 56 3.48 -23.89 -1.25
N LEU C 57 2.52 -23.21 -1.85
CA LEU C 57 2.32 -23.18 -3.30
C LEU C 57 2.06 -21.76 -3.73
N VAL C 58 2.73 -21.33 -4.79
CA VAL C 58 2.57 -19.97 -5.32
C VAL C 58 1.68 -20.02 -6.58
N LYS C 59 0.81 -19.05 -6.74
CA LYS C 59 -0.04 -18.89 -7.93
C LYS C 59 -0.05 -17.43 -8.36
N ASP C 60 0.31 -17.18 -9.61
CA ASP C 60 0.25 -15.84 -10.22
C ASP C 60 -1.22 -15.58 -10.59
N LEU C 61 -1.77 -14.44 -10.18
CA LEU C 61 -3.20 -14.17 -10.38
C LEU C 61 -3.57 -13.70 -11.80
N GLY C 62 -2.59 -13.61 -12.70
CA GLY C 62 -2.78 -13.14 -14.07
C GLY C 62 -2.20 -11.73 -14.17
N SER C 63 -0.94 -11.58 -13.76
CA SER C 63 -0.25 -10.30 -13.64
C SER C 63 0.32 -9.82 -14.98
N LEU C 64 0.70 -8.56 -15.04
CA LEU C 64 1.30 -8.01 -16.26
C LEU C 64 2.66 -8.67 -16.56
N ASN C 65 3.52 -8.87 -15.55
CA ASN C 65 4.89 -9.33 -15.79
C ASN C 65 5.22 -10.71 -15.25
N GLY C 66 4.25 -11.37 -14.65
CA GLY C 66 4.50 -12.74 -14.22
C GLY C 66 5.26 -12.94 -12.93
N THR C 67 5.35 -14.20 -12.53
CA THR C 67 6.02 -14.70 -11.34
C THR C 67 7.02 -15.74 -11.82
N PHE C 68 8.22 -15.70 -11.25
CA PHE C 68 9.34 -16.55 -11.61
C PHE C 68 9.78 -17.46 -10.44
N VAL C 69 9.85 -18.78 -10.71
CA VAL C 69 10.39 -19.80 -9.79
C VAL C 69 11.62 -20.36 -10.48
N ASN C 70 12.79 -20.26 -9.84
CA ASN C 70 14.09 -20.70 -10.33
C ASN C 70 14.40 -20.07 -11.70
N ASP C 71 14.08 -18.74 -11.83
CA ASP C 71 14.26 -17.89 -13.03
C ASP C 71 13.33 -18.32 -14.20
N VAL C 72 12.33 -19.16 -13.91
CA VAL C 72 11.37 -19.62 -14.94
C VAL C 72 10.00 -18.98 -14.70
N ARG C 73 9.45 -18.32 -15.73
CA ARG C 73 8.09 -17.79 -15.68
C ARG C 73 7.13 -18.94 -15.47
N ILE C 74 6.24 -18.83 -14.48
CA ILE C 74 5.26 -19.90 -14.21
C ILE C 74 3.99 -19.64 -15.06
N PRO C 75 3.13 -20.67 -15.34
CA PRO C 75 1.91 -20.39 -16.11
C PRO C 75 0.98 -19.54 -15.29
N GLU C 76 0.12 -18.75 -15.92
CA GLU C 76 -0.89 -17.96 -15.19
C GLU C 76 -1.84 -18.89 -14.46
N GLN C 77 -2.31 -18.45 -13.27
CA GLN C 77 -3.36 -19.09 -12.47
C GLN C 77 -3.13 -20.61 -12.26
N THR C 78 -1.87 -20.99 -12.02
CA THR C 78 -1.48 -22.38 -11.78
C THR C 78 -0.64 -22.43 -10.52
N TYR C 79 -1.05 -23.23 -9.55
CA TYR C 79 -0.31 -23.42 -8.29
C TYR C 79 0.97 -24.21 -8.58
N ILE C 80 2.09 -23.65 -8.13
CA ILE C 80 3.41 -24.24 -8.27
C ILE C 80 3.90 -24.51 -6.85
N THR C 81 4.25 -25.76 -6.55
CA THR C 81 4.76 -26.14 -5.22
C THR C 81 6.15 -25.54 -4.99
N LEU C 82 6.33 -24.94 -3.84
CA LEU C 82 7.61 -24.37 -3.45
C LEU C 82 8.41 -25.44 -2.72
N LYS C 83 9.65 -25.65 -3.17
CA LYS C 83 10.56 -26.63 -2.57
C LYS C 83 11.73 -25.90 -1.91
N LEU C 84 12.43 -26.57 -0.98
CA LEU C 84 13.63 -26.02 -0.32
C LEU C 84 14.65 -25.58 -1.35
N GLU C 85 15.19 -24.35 -1.18
CA GLU C 85 16.21 -23.71 -2.03
C GLU C 85 15.64 -23.17 -3.36
N ASP C 86 14.32 -23.22 -3.58
CA ASP C 86 13.71 -22.58 -4.75
C ASP C 86 13.91 -21.07 -4.70
N LYS C 87 14.11 -20.44 -5.85
CA LYS C 87 14.31 -19.00 -5.94
C LYS C 87 13.02 -18.41 -6.46
N LEU C 88 12.45 -17.42 -5.78
CA LEU C 88 11.17 -16.86 -6.17
C LEU C 88 11.26 -15.33 -6.38
N ARG C 89 10.76 -14.83 -7.52
CA ARG C 89 10.74 -13.39 -7.84
C ARG C 89 9.38 -13.02 -8.41
N PHE C 90 8.83 -11.88 -7.99
CA PHE C 90 7.56 -11.38 -8.51
C PHE C 90 7.85 -10.22 -9.48
N GLY C 91 7.33 -10.33 -10.69
CA GLY C 91 7.54 -9.33 -11.75
C GLY C 91 9.01 -9.10 -11.94
N TYR C 92 9.43 -7.81 -11.95
CA TYR C 92 10.85 -7.44 -12.06
C TYR C 92 11.32 -6.78 -10.76
N ASP C 93 10.68 -7.13 -9.63
CA ASP C 93 11.07 -6.65 -8.30
C ASP C 93 12.50 -7.15 -7.99
N THR C 94 13.30 -6.34 -7.27
CA THR C 94 14.71 -6.66 -7.01
C THR C 94 14.89 -7.74 -5.92
N ASN C 95 13.81 -8.07 -5.19
CA ASN C 95 13.92 -9.11 -4.16
C ASN C 95 13.89 -10.48 -4.78
N LEU C 96 14.99 -11.24 -4.63
CA LEU C 96 15.03 -12.64 -5.02
C LEU C 96 14.87 -13.42 -3.73
N PHE C 97 13.79 -14.16 -3.59
CA PHE C 97 13.54 -14.89 -2.36
C PHE C 97 14.00 -16.33 -2.45
N THR C 98 14.61 -16.84 -1.37
CA THR C 98 15.00 -18.24 -1.27
C THR C 98 14.04 -18.89 -0.31
N VAL C 99 13.49 -20.05 -0.70
CA VAL C 99 12.55 -20.85 0.09
C VAL C 99 13.38 -21.70 1.05
N VAL C 100 13.21 -21.45 2.37
CA VAL C 100 13.90 -22.19 3.42
C VAL C 100 12.87 -22.68 4.44
N GLN C 101 13.29 -23.59 5.30
CA GLN C 101 12.51 -24.14 6.38
C GLN C 101 13.40 -24.18 7.60
N GLY C 102 12.86 -23.78 8.74
CA GLY C 102 13.64 -23.73 9.98
C GLY C 102 12.82 -23.55 11.23
N GLU C 103 13.52 -23.30 12.35
CA GLU C 103 12.93 -23.13 13.68
C GLU C 103 12.21 -21.80 13.78
N MET C 104 10.97 -21.86 14.26
CA MET C 104 10.14 -20.68 14.45
C MET C 104 10.36 -20.16 15.85
N ARG C 105 11.02 -18.98 15.96
CA ARG C 105 11.35 -18.31 17.23
C ARG C 105 10.18 -17.44 17.71
N VAL C 106 9.37 -17.98 18.63
CA VAL C 106 8.18 -17.30 19.15
C VAL C 106 8.58 -16.42 20.37
N PRO C 107 8.47 -15.07 20.28
CA PRO C 107 8.83 -14.22 21.45
C PRO C 107 7.90 -14.46 22.61
N GLU C 108 8.42 -14.38 23.84
CA GLU C 108 7.67 -14.61 25.07
C GLU C 108 6.43 -13.70 25.18
N GLU C 109 6.49 -12.47 24.61
CA GLU C 109 5.39 -11.51 24.59
C GLU C 109 4.17 -12.09 23.85
N ALA C 110 4.40 -12.80 22.71
CA ALA C 110 3.35 -13.43 21.90
C ALA C 110 2.54 -14.47 22.71
N LEU C 111 3.13 -15.04 23.78
CA LEU C 111 2.49 -16.02 24.66
C LEU C 111 1.44 -15.36 25.58
N LYS C 112 1.42 -14.01 25.64
CA LYS C 112 0.46 -13.27 26.46
C LYS C 112 -0.81 -12.98 25.66
N HIS C 113 -0.83 -13.38 24.37
CA HIS C 113 -1.97 -13.16 23.49
C HIS C 113 -2.74 -14.47 23.33
N GLU C 114 -3.96 -14.52 23.87
CA GLU C 114 -4.88 -15.67 23.86
C GLU C 114 -5.10 -16.25 22.44
N LYS C 115 -5.59 -15.43 21.49
CA LYS C 115 -5.89 -15.80 20.11
C LYS C 115 -4.64 -16.34 19.39
N PHE C 116 -3.47 -15.70 19.57
CA PHE C 116 -2.21 -16.14 18.96
C PHE C 116 -1.81 -17.52 19.49
N THR C 117 -1.87 -17.73 20.83
CA THR C 117 -1.50 -18.99 21.49
C THR C 117 -2.36 -20.16 20.96
N ILE C 118 -3.70 -19.94 20.83
CA ILE C 118 -4.65 -20.95 20.33
C ILE C 118 -4.29 -21.32 18.88
N GLN C 119 -4.10 -20.32 18.01
CA GLN C 119 -3.73 -20.50 16.59
C GLN C 119 -2.24 -20.86 16.46
N MET D 2 -8.98 14.40 37.85
CA MET D 2 -7.61 14.86 37.99
C MET D 2 -6.83 14.75 36.66
N SER D 3 -5.54 15.07 36.69
CA SER D 3 -4.65 15.07 35.53
C SER D 3 -3.43 14.25 35.78
N LEU D 4 -2.95 13.58 34.73
CA LEU D 4 -1.74 12.77 34.75
C LEU D 4 -0.97 13.03 33.48
N THR D 5 0.33 12.75 33.52
CA THR D 5 1.17 12.83 32.34
C THR D 5 1.08 11.46 31.67
N SER D 6 1.06 11.44 30.33
CA SER D 6 1.04 10.20 29.58
C SER D 6 1.72 10.39 28.25
N TRP D 7 2.29 9.30 27.70
CA TRP D 7 2.81 9.30 26.34
C TRP D 7 1.62 9.02 25.42
N PHE D 8 1.67 9.50 24.17
CA PHE D 8 0.60 9.29 23.20
C PHE D 8 1.16 9.01 21.84
N LEU D 9 0.37 8.33 21.01
CA LEU D 9 0.65 8.17 19.58
C LEU D 9 -0.35 9.06 18.88
N VAL D 10 0.13 10.00 18.06
CA VAL D 10 -0.76 10.86 17.29
C VAL D 10 -0.69 10.37 15.84
N SER D 11 -1.82 9.88 15.32
CA SER D 11 -1.84 9.38 13.94
C SER D 11 -1.99 10.52 12.94
N SER D 12 -1.39 10.35 11.76
CA SER D 12 -1.52 11.26 10.62
C SER D 12 -2.99 11.28 10.14
N GLY D 13 -3.77 10.31 10.64
CA GLY D 13 -5.19 10.17 10.38
C GLY D 13 -6.04 11.07 11.26
N GLY D 14 -5.40 11.72 12.24
CA GLY D 14 -6.06 12.65 13.16
C GLY D 14 -6.37 12.13 14.55
N THR D 15 -6.27 10.80 14.77
CA THR D 15 -6.59 10.23 16.09
C THR D 15 -5.37 10.26 17.04
N ARG D 16 -5.64 10.41 18.35
CA ARG D 16 -4.69 10.41 19.46
C ARG D 16 -4.91 9.14 20.29
N HIS D 17 -3.85 8.35 20.51
CA HIS D 17 -3.90 7.07 21.21
C HIS D 17 -3.01 7.11 22.44
N ARG D 18 -3.63 7.07 23.61
CA ARG D 18 -2.95 7.08 24.90
C ARG D 18 -2.18 5.77 25.13
N LEU D 19 -0.89 5.88 25.40
CA LEU D 19 -0.12 4.67 25.68
C LEU D 19 -0.24 4.32 27.19
N PRO D 20 -0.81 3.15 27.55
CA PRO D 20 -0.93 2.81 28.98
C PRO D 20 0.40 2.32 29.54
N ARG D 21 0.51 2.30 30.87
CA ARG D 21 1.71 1.90 31.57
C ARG D 21 1.78 0.38 31.73
N GLU D 22 1.65 -0.33 30.60
CA GLU D 22 1.70 -1.78 30.50
C GLU D 22 1.84 -2.15 29.03
N MET D 23 2.17 -3.41 28.75
CA MET D 23 2.36 -3.89 27.40
C MET D 23 1.05 -3.95 26.62
N ILE D 24 1.08 -3.49 25.35
CA ILE D 24 -0.04 -3.56 24.44
C ILE D 24 0.44 -4.19 23.13
N PHE D 25 -0.49 -4.77 22.39
CA PHE D 25 -0.24 -5.34 21.07
C PHE D 25 -0.69 -4.36 20.02
N VAL D 26 0.00 -4.39 18.88
CA VAL D 26 -0.31 -3.61 17.68
C VAL D 26 -0.53 -4.63 16.59
N GLY D 27 -1.62 -4.50 15.85
CA GLY D 27 -1.88 -5.46 14.80
C GLY D 27 -3.22 -5.29 14.15
N ARG D 28 -3.54 -6.23 13.26
CA ARG D 28 -4.73 -6.22 12.43
C ARG D 28 -5.82 -7.10 13.06
N ASP D 29 -5.47 -7.96 14.02
CA ASP D 29 -6.48 -8.83 14.63
C ASP D 29 -6.33 -8.94 16.16
N ASP D 30 -7.41 -8.52 16.87
CA ASP D 30 -7.57 -8.59 18.32
C ASP D 30 -6.35 -8.01 19.09
N CYS D 31 -6.05 -6.74 18.81
CA CYS D 31 -4.96 -6.01 19.41
C CYS D 31 -5.49 -4.76 20.04
N GLU D 32 -4.77 -4.21 21.04
CA GLU D 32 -5.14 -2.96 21.69
C GLU D 32 -5.11 -1.84 20.68
N LEU D 33 -4.02 -1.78 19.86
CA LEU D 33 -3.91 -0.80 18.79
C LEU D 33 -4.18 -1.51 17.46
N MET D 34 -5.33 -1.24 16.85
CA MET D 34 -5.80 -1.88 15.64
C MET D 34 -5.47 -1.10 14.39
N LEU D 35 -4.98 -1.80 13.35
CA LEU D 35 -4.69 -1.23 12.04
C LEU D 35 -5.42 -2.09 11.01
N GLN D 36 -5.84 -1.50 9.89
CA GLN D 36 -6.65 -2.20 8.92
C GLN D 36 -5.89 -2.78 7.74
N SER D 37 -4.71 -2.23 7.41
CA SER D 37 -3.93 -2.68 6.27
C SER D 37 -3.55 -4.17 6.35
N ARG D 38 -3.69 -4.90 5.23
CA ARG D 38 -3.27 -6.31 5.13
C ARG D 38 -1.76 -6.43 5.28
N SER D 39 -1.04 -5.31 5.07
CA SER D 39 0.42 -5.22 5.17
C SER D 39 0.87 -5.28 6.62
N VAL D 40 -0.10 -5.23 7.56
CA VAL D 40 0.16 -5.32 8.99
C VAL D 40 -0.18 -6.77 9.42
N ASP D 41 0.71 -7.44 10.15
CA ASP D 41 0.43 -8.77 10.69
C ASP D 41 -0.73 -8.72 11.69
N LYS D 42 -1.40 -9.88 11.86
CA LYS D 42 -2.52 -10.04 12.80
C LYS D 42 -2.08 -9.59 14.23
N GLN D 43 -0.86 -10.01 14.66
CA GLN D 43 -0.19 -9.54 15.90
C GLN D 43 1.17 -9.16 15.39
N HIS D 44 1.38 -7.85 15.17
CA HIS D 44 2.54 -7.32 14.46
C HIS D 44 3.67 -6.89 15.37
N ALA D 45 3.34 -6.15 16.42
CA ALA D 45 4.31 -5.60 17.36
C ALA D 45 3.71 -5.48 18.75
N VAL D 46 4.58 -5.20 19.73
CA VAL D 46 4.20 -4.86 21.09
C VAL D 46 4.79 -3.51 21.41
N ILE D 47 4.10 -2.73 22.25
CA ILE D 47 4.61 -1.48 22.79
C ILE D 47 4.60 -1.73 24.28
N ASN D 48 5.79 -1.88 24.87
CA ASN D 48 5.92 -2.13 26.30
C ASN D 48 6.26 -0.85 27.04
N TYR D 49 6.22 -0.88 28.39
CA TYR D 49 6.49 0.30 29.21
C TYR D 49 7.52 -0.01 30.29
N ASP D 50 8.50 0.89 30.43
CA ASP D 50 9.51 0.79 31.47
C ASP D 50 9.12 1.79 32.55
N ALA D 51 8.57 1.30 33.68
CA ALA D 51 8.12 2.13 34.80
C ALA D 51 9.25 2.90 35.49
N SER D 52 10.50 2.40 35.43
CA SER D 52 11.63 3.07 36.09
C SER D 52 12.09 4.33 35.31
N THR D 53 12.01 4.32 33.96
CA THR D 53 12.43 5.48 33.15
C THR D 53 11.25 6.27 32.55
N ASP D 54 10.00 5.77 32.74
CA ASP D 54 8.75 6.31 32.18
C ASP D 54 8.90 6.44 30.63
N GLU D 55 9.26 5.33 29.99
CA GLU D 55 9.44 5.26 28.54
C GLU D 55 8.77 4.06 27.97
N HIS D 56 8.35 4.18 26.71
CA HIS D 56 7.77 3.09 25.94
C HIS D 56 8.80 2.55 24.97
N LEU D 57 8.70 1.24 24.67
CA LEU D 57 9.62 0.53 23.80
C LEU D 57 8.80 -0.29 22.84
N VAL D 58 9.13 -0.23 21.55
CA VAL D 58 8.44 -0.99 20.51
C VAL D 58 9.31 -2.22 20.13
N LYS D 59 8.65 -3.34 19.87
CA LYS D 59 9.27 -4.58 19.42
C LYS D 59 8.44 -5.20 18.31
N ASP D 60 9.03 -5.43 17.12
CA ASP D 60 8.39 -6.12 16.01
C ASP D 60 8.40 -7.64 16.31
N LEU D 61 7.25 -8.32 16.20
CA LEU D 61 7.14 -9.72 16.59
C LEU D 61 7.65 -10.72 15.54
N GLY D 62 8.18 -10.23 14.42
CA GLY D 62 8.67 -11.03 13.31
C GLY D 62 7.66 -10.95 12.18
N SER D 63 7.26 -9.71 11.84
CA SER D 63 6.21 -9.45 10.87
C SER D 63 6.72 -9.59 9.43
N LEU D 64 5.78 -9.80 8.50
CA LEU D 64 6.13 -9.93 7.09
C LEU D 64 6.72 -8.64 6.51
N ASN D 65 6.22 -7.45 6.91
CA ASN D 65 6.69 -6.21 6.30
C ASN D 65 7.51 -5.28 7.22
N GLY D 66 7.68 -5.65 8.46
CA GLY D 66 8.48 -4.87 9.40
C GLY D 66 7.79 -3.67 10.04
N THR D 67 8.50 -3.06 10.99
CA THR D 67 8.10 -1.88 11.74
C THR D 67 9.19 -0.83 11.49
N PHE D 68 8.74 0.41 11.24
CA PHE D 68 9.63 1.49 10.91
C PHE D 68 9.61 2.59 11.96
N VAL D 69 10.80 3.01 12.43
CA VAL D 69 11.00 4.13 13.35
C VAL D 69 11.87 5.12 12.58
N ASN D 70 11.31 6.31 12.26
CA ASN D 70 11.95 7.37 11.48
C ASN D 70 12.46 6.84 10.12
N ASP D 71 11.60 6.05 9.42
CA ASP D 71 11.83 5.41 8.10
C ASP D 71 12.88 4.29 8.14
N VAL D 72 13.31 3.88 9.33
CA VAL D 72 14.30 2.81 9.45
C VAL D 72 13.59 1.54 9.92
N ARG D 73 13.73 0.44 9.16
CA ARG D 73 13.17 -0.86 9.51
C ARG D 73 13.94 -1.37 10.75
N ILE D 74 13.24 -1.55 11.88
CA ILE D 74 13.90 -1.95 13.12
C ILE D 74 14.26 -3.45 13.08
N PRO D 75 15.32 -3.91 13.78
CA PRO D 75 15.61 -5.36 13.76
C PRO D 75 14.46 -6.09 14.46
N GLU D 76 14.07 -7.26 13.96
CA GLU D 76 12.94 -7.96 14.58
C GLU D 76 13.28 -8.46 15.98
N GLN D 77 12.24 -8.57 16.80
CA GLN D 77 12.26 -9.11 18.16
C GLN D 77 13.33 -8.37 19.05
N THR D 78 13.48 -7.06 18.83
CA THR D 78 14.40 -6.16 19.53
C THR D 78 13.62 -4.93 20.03
N TYR D 79 13.74 -4.63 21.31
CA TYR D 79 13.08 -3.46 21.89
C TYR D 79 13.80 -2.17 21.49
N ILE D 80 13.06 -1.24 20.89
CA ILE D 80 13.57 0.07 20.49
C ILE D 80 12.86 1.11 21.36
N THR D 81 13.63 1.94 22.08
CA THR D 81 13.05 2.99 22.93
C THR D 81 12.43 4.07 22.06
N LEU D 82 11.16 4.40 22.36
CA LEU D 82 10.42 5.45 21.66
C LEU D 82 10.77 6.80 22.29
N LYS D 83 11.21 7.74 21.47
CA LYS D 83 11.58 9.08 21.92
C LYS D 83 10.58 10.08 21.38
N LEU D 84 10.47 11.24 22.02
CA LEU D 84 9.62 12.34 21.59
C LEU D 84 9.89 12.68 20.11
N GLU D 85 8.82 12.82 19.30
CA GLU D 85 8.83 13.17 17.87
C GLU D 85 9.20 12.00 16.95
N ASP D 86 9.43 10.79 17.50
CA ASP D 86 9.70 9.63 16.64
C ASP D 86 8.49 9.36 15.76
N LYS D 87 8.72 8.96 14.51
CA LYS D 87 7.68 8.63 13.53
C LYS D 87 7.63 7.13 13.41
N LEU D 88 6.47 6.56 13.71
CA LEU D 88 6.32 5.11 13.80
C LEU D 88 5.27 4.61 12.82
N ARG D 89 5.69 3.66 11.97
CA ARG D 89 4.83 3.04 10.98
C ARG D 89 4.92 1.52 11.09
N PHE D 90 3.76 0.85 11.01
CA PHE D 90 3.69 -0.60 11.07
C PHE D 90 3.39 -1.10 9.65
N GLY D 91 4.26 -1.96 9.13
CA GLY D 91 4.14 -2.47 7.76
C GLY D 91 4.10 -1.28 6.82
N TYR D 92 3.13 -1.30 5.89
CA TYR D 92 2.89 -0.22 4.93
C TYR D 92 1.52 0.42 5.21
N ASP D 93 1.06 0.36 6.45
CA ASP D 93 -0.17 1.02 6.88
C ASP D 93 -0.03 2.55 6.68
N THR D 94 -1.09 3.23 6.27
CA THR D 94 -1.06 4.67 6.00
C THR D 94 -0.98 5.52 7.27
N ASN D 95 -1.24 4.95 8.46
CA ASN D 95 -1.11 5.70 9.71
C ASN D 95 0.35 5.89 10.08
N LEU D 96 0.81 7.12 10.06
CA LEU D 96 2.14 7.45 10.55
C LEU D 96 1.91 8.03 11.93
N PHE D 97 2.43 7.37 12.96
CA PHE D 97 2.25 7.82 14.34
C PHE D 97 3.41 8.65 14.82
N THR D 98 3.12 9.78 15.47
CA THR D 98 4.13 10.61 16.11
C THR D 98 4.06 10.37 17.61
N VAL D 99 5.20 10.10 18.23
CA VAL D 99 5.35 9.88 19.67
C VAL D 99 5.39 11.24 20.37
N VAL D 100 4.40 11.50 21.27
CA VAL D 100 4.33 12.77 22.03
C VAL D 100 4.06 12.43 23.50
N GLN D 101 4.17 13.43 24.35
CA GLN D 101 3.89 13.29 25.79
C GLN D 101 3.06 14.49 26.19
N GLY D 102 2.03 14.25 26.98
CA GLY D 102 1.13 15.30 27.41
C GLY D 102 0.31 14.94 28.62
N GLU D 103 -0.74 15.71 28.86
CA GLU D 103 -1.62 15.53 30.00
C GLU D 103 -2.89 14.75 29.61
N MET D 104 -3.32 13.81 30.46
CA MET D 104 -4.54 13.05 30.27
C MET D 104 -5.49 13.38 31.42
N ARG D 105 -6.77 13.60 31.13
CA ARG D 105 -7.71 13.86 32.22
C ARG D 105 -8.31 12.55 32.70
N VAL D 106 -8.44 12.40 34.02
CA VAL D 106 -9.06 11.23 34.67
C VAL D 106 -10.51 11.65 35.02
N PRO D 107 -11.54 11.09 34.33
CA PRO D 107 -12.94 11.49 34.66
C PRO D 107 -13.31 11.07 36.07
N GLU D 108 -14.19 11.87 36.73
CA GLU D 108 -14.64 11.57 38.09
C GLU D 108 -15.32 10.18 38.18
N GLU D 109 -15.94 9.70 37.07
CA GLU D 109 -16.60 8.37 36.98
C GLU D 109 -15.60 7.24 37.22
N ALA D 110 -14.37 7.37 36.66
CA ALA D 110 -13.27 6.41 36.83
C ALA D 110 -12.88 6.24 38.33
N LEU D 111 -13.14 7.25 39.17
CA LEU D 111 -12.84 7.22 40.61
C LEU D 111 -13.82 6.32 41.38
N LYS D 112 -14.93 5.93 40.74
CA LYS D 112 -15.95 5.05 41.34
C LYS D 112 -15.59 3.57 41.13
N HIS D 113 -14.52 3.32 40.37
CA HIS D 113 -14.05 1.98 40.07
C HIS D 113 -12.83 1.67 40.94
N GLU D 114 -13.01 0.76 41.90
CA GLU D 114 -12.00 0.33 42.88
C GLU D 114 -10.71 -0.17 42.22
N LYS D 115 -10.82 -1.14 41.29
CA LYS D 115 -9.69 -1.73 40.59
C LYS D 115 -8.92 -0.66 39.81
N PHE D 116 -9.62 0.25 39.11
CA PHE D 116 -8.98 1.33 38.34
C PHE D 116 -8.16 2.22 39.27
N THR D 117 -8.76 2.68 40.39
CA THR D 117 -8.14 3.57 41.39
C THR D 117 -6.84 2.94 41.97
N ILE D 118 -6.87 1.64 42.32
CA ILE D 118 -5.73 0.90 42.87
C ILE D 118 -4.59 0.85 41.81
N GLN D 119 -4.92 0.49 40.55
CA GLN D 119 -3.97 0.43 39.43
C GLN D 119 -3.41 1.81 39.08
N LEU D 120 -4.16 2.90 39.40
CA LEU D 120 -3.75 4.29 39.20
C LEU D 120 -2.70 4.65 40.27
N GLN D 121 -2.99 4.31 41.54
CA GLN D 121 -2.13 4.54 42.70
C GLN D 121 -0.88 3.66 42.65
N SER E 1 -46.52 -14.72 31.31
CA SER E 1 -45.35 -14.56 32.14
C SER E 1 -45.24 -13.16 32.75
N MET E 2 -44.31 -12.97 33.68
CA MET E 2 -44.03 -11.68 34.31
C MET E 2 -42.92 -11.04 33.51
N SER E 3 -42.93 -9.71 33.36
CA SER E 3 -41.89 -9.00 32.62
C SER E 3 -41.58 -7.65 33.23
N LEU E 4 -40.49 -7.03 32.75
CA LEU E 4 -40.10 -5.69 33.19
C LEU E 4 -39.80 -4.82 31.98
N THR E 5 -40.15 -3.54 32.08
CA THR E 5 -39.88 -2.57 31.03
C THR E 5 -38.51 -1.97 31.30
N SER E 6 -37.70 -1.87 30.25
CA SER E 6 -36.36 -1.30 30.38
C SER E 6 -35.76 -1.05 29.03
N TRP E 7 -34.70 -0.23 29.00
CA TRP E 7 -33.91 -0.09 27.79
C TRP E 7 -32.95 -1.26 27.80
N PHE E 8 -32.54 -1.75 26.62
CA PHE E 8 -31.56 -2.82 26.59
C PHE E 8 -30.70 -2.77 25.33
N LEU E 9 -29.54 -3.44 25.36
CA LEU E 9 -28.63 -3.53 24.21
C LEU E 9 -28.75 -4.90 23.59
N VAL E 10 -28.99 -4.94 22.27
CA VAL E 10 -29.10 -6.22 21.58
C VAL E 10 -27.87 -6.33 20.70
N SER E 11 -27.08 -7.36 20.98
CA SER E 11 -25.84 -7.62 20.28
C SER E 11 -26.09 -8.25 18.93
N SER E 12 -25.22 -7.90 17.95
CA SER E 12 -25.19 -8.52 16.62
C SER E 12 -24.85 -10.01 16.78
N GLY E 13 -24.31 -10.37 17.96
CA GLY E 13 -23.96 -11.73 18.35
C GLY E 13 -25.13 -12.54 18.88
N GLY E 14 -26.31 -11.90 19.00
CA GLY E 14 -27.53 -12.57 19.46
C GLY E 14 -27.90 -12.49 20.94
N THR E 15 -27.01 -11.91 21.78
CA THR E 15 -27.31 -11.76 23.21
C THR E 15 -28.07 -10.43 23.52
N ARG E 16 -28.83 -10.41 24.62
CA ARG E 16 -29.55 -9.23 25.14
C ARG E 16 -28.88 -8.79 26.43
N HIS E 17 -28.86 -7.47 26.68
CA HIS E 17 -28.18 -6.92 27.86
C HIS E 17 -29.02 -5.78 28.42
N ARG E 18 -29.64 -6.02 29.59
CA ARG E 18 -30.52 -5.06 30.25
C ARG E 18 -29.75 -3.86 30.80
N LEU E 19 -30.20 -2.64 30.46
CA LEU E 19 -29.58 -1.44 31.00
C LEU E 19 -30.27 -1.04 32.32
N PRO E 20 -29.55 -1.06 33.47
CA PRO E 20 -30.24 -0.73 34.73
C PRO E 20 -30.38 0.78 34.94
N ARG E 21 -31.20 1.17 35.91
CA ARG E 21 -31.45 2.59 36.21
C ARG E 21 -30.39 3.14 37.17
N GLU E 22 -29.12 2.96 36.79
CA GLU E 22 -27.94 3.39 37.53
C GLU E 22 -26.73 3.27 36.62
N MET E 23 -25.61 3.88 37.03
CA MET E 23 -24.41 3.86 36.21
C MET E 23 -23.73 2.50 36.22
N ILE E 24 -23.31 2.04 35.03
CA ILE E 24 -22.55 0.79 34.84
C ILE E 24 -21.29 1.09 34.02
N PHE E 25 -20.27 0.26 34.21
CA PHE E 25 -19.04 0.31 33.43
C PHE E 25 -19.11 -0.71 32.31
N VAL E 26 -18.43 -0.36 31.19
CA VAL E 26 -18.28 -1.21 30.02
C VAL E 26 -16.78 -1.35 29.84
N GLY E 27 -16.31 -2.58 29.67
CA GLY E 27 -14.88 -2.77 29.47
C GLY E 27 -14.47 -4.22 29.42
N ARG E 28 -13.15 -4.44 29.36
CA ARG E 28 -12.54 -5.75 29.24
C ARG E 28 -12.11 -6.32 30.61
N ASP E 29 -12.13 -5.48 31.68
CA ASP E 29 -11.71 -5.97 33.00
C ASP E 29 -12.56 -5.39 34.11
N ASP E 30 -13.20 -6.28 34.88
CA ASP E 30 -13.99 -6.00 36.09
C ASP E 30 -15.06 -4.91 35.85
N CYS E 31 -15.91 -5.14 34.86
CA CYS E 31 -16.98 -4.21 34.48
C CYS E 31 -18.30 -4.93 34.52
N GLU E 32 -19.42 -4.19 34.66
CA GLU E 32 -20.76 -4.76 34.65
C GLU E 32 -21.02 -5.38 33.28
N LEU E 33 -20.60 -4.66 32.19
CA LEU E 33 -20.75 -5.17 30.82
C LEU E 33 -19.36 -5.49 30.31
N MET E 34 -19.04 -6.79 30.24
CA MET E 34 -17.72 -7.26 29.83
C MET E 34 -17.61 -7.57 28.34
N LEU E 35 -16.54 -7.09 27.70
CA LEU E 35 -16.25 -7.34 26.28
C LEU E 35 -14.88 -8.00 26.20
N GLN E 36 -14.68 -8.92 25.27
CA GLN E 36 -13.41 -9.65 25.23
C GLN E 36 -12.35 -9.03 24.32
N SER E 37 -12.74 -8.17 23.36
CA SER E 37 -11.77 -7.56 22.41
C SER E 37 -10.68 -6.73 23.10
N ARG E 38 -9.42 -6.90 22.65
CA ARG E 38 -8.27 -6.14 23.14
C ARG E 38 -8.35 -4.65 22.78
N SER E 39 -9.17 -4.29 21.76
CA SER E 39 -9.40 -2.93 21.27
C SER E 39 -10.29 -2.14 22.26
N VAL E 40 -10.91 -2.89 23.21
CA VAL E 40 -11.71 -2.34 24.28
C VAL E 40 -10.78 -2.19 25.48
N ASP E 41 -10.75 -0.99 26.07
CA ASP E 41 -9.96 -0.74 27.29
C ASP E 41 -10.54 -1.54 28.47
N LYS E 42 -9.69 -1.80 29.47
CA LYS E 42 -10.04 -2.47 30.72
C LYS E 42 -11.29 -1.80 31.36
N GLN E 43 -11.34 -0.46 31.42
CA GLN E 43 -12.51 0.36 31.81
C GLN E 43 -12.64 1.34 30.67
N HIS E 44 -13.48 1.01 29.71
CA HIS E 44 -13.61 1.75 28.45
C HIS E 44 -14.64 2.89 28.51
N ALA E 45 -15.85 2.62 29.03
CA ALA E 45 -16.95 3.59 29.06
C ALA E 45 -17.90 3.35 30.21
N VAL E 46 -18.76 4.33 30.46
CA VAL E 46 -19.85 4.23 31.42
C VAL E 46 -21.15 4.45 30.68
N ILE E 47 -22.22 3.78 31.12
CA ILE E 47 -23.57 4.01 30.64
C ILE E 47 -24.33 4.45 31.87
N ASN E 48 -24.71 5.74 31.93
CA ASN E 48 -25.44 6.31 33.06
C ASN E 48 -26.92 6.42 32.73
N TYR E 49 -27.74 6.77 33.74
CA TYR E 49 -29.18 6.88 33.56
C TYR E 49 -29.72 8.19 34.10
N ASP E 50 -30.56 8.85 33.32
CA ASP E 50 -31.23 10.08 33.71
C ASP E 50 -32.67 9.71 34.06
N ALA E 51 -32.99 9.64 35.37
CA ALA E 51 -34.31 9.26 35.88
C ALA E 51 -35.42 10.25 35.49
N SER E 52 -35.10 11.54 35.27
CA SER E 52 -36.10 12.54 34.93
C SER E 52 -36.59 12.41 33.46
N THR E 53 -35.72 12.00 32.52
CA THR E 53 -36.10 11.86 31.11
C THR E 53 -36.25 10.39 30.69
N ASP E 54 -35.95 9.44 31.60
CA ASP E 54 -35.94 7.98 31.37
C ASP E 54 -35.04 7.66 30.14
N GLU E 55 -33.78 8.09 30.20
CA GLU E 55 -32.81 7.90 29.13
C GLU E 55 -31.45 7.48 29.66
N HIS E 56 -30.71 6.74 28.83
CA HIS E 56 -29.34 6.33 29.13
C HIS E 56 -28.39 7.22 28.36
N LEU E 57 -27.21 7.46 28.94
CA LEU E 57 -26.16 8.29 28.36
C LEU E 57 -24.84 7.54 28.43
N VAL E 58 -24.11 7.52 27.32
CA VAL E 58 -22.81 6.86 27.23
C VAL E 58 -21.70 7.93 27.32
N LYS E 59 -20.60 7.60 28.01
CA LYS E 59 -19.43 8.49 28.16
C LYS E 59 -18.18 7.66 28.07
N ASP E 60 -17.33 7.98 27.10
CA ASP E 60 -16.04 7.32 26.94
C ASP E 60 -15.09 7.87 28.03
N LEU E 61 -14.42 6.98 28.76
CA LEU E 61 -13.58 7.43 29.89
C LEU E 61 -12.18 7.93 29.49
N GLY E 62 -11.88 7.89 28.19
CA GLY E 62 -10.60 8.30 27.66
C GLY E 62 -9.87 7.08 27.17
N SER E 63 -10.58 6.24 26.40
CA SER E 63 -10.09 4.97 25.89
C SER E 63 -9.12 5.16 24.75
N LEU E 64 -8.35 4.10 24.45
CA LEU E 64 -7.38 4.07 23.38
C LEU E 64 -8.03 4.22 22.02
N ASN E 65 -9.20 3.58 21.81
CA ASN E 65 -9.84 3.56 20.48
C ASN E 65 -11.20 4.25 20.38
N GLY E 66 -11.68 4.82 21.47
CA GLY E 66 -12.96 5.53 21.48
C GLY E 66 -14.21 4.65 21.49
N THR E 67 -15.35 5.34 21.56
CA THR E 67 -16.70 4.78 21.57
C THR E 67 -17.42 5.40 20.39
N PHE E 68 -18.13 4.56 19.63
CA PHE E 68 -18.82 4.94 18.42
C PHE E 68 -20.34 4.78 18.51
N VAL E 69 -21.05 5.86 18.17
CA VAL E 69 -22.51 5.91 18.11
C VAL E 69 -22.82 6.23 16.66
N ASN E 70 -23.49 5.28 15.96
CA ASN E 70 -23.86 5.38 14.54
C ASN E 70 -22.62 5.70 13.67
N ASP E 71 -21.51 4.95 13.93
CA ASP E 71 -20.18 5.00 13.28
C ASP E 71 -19.44 6.34 13.50
N VAL E 72 -19.89 7.17 14.44
CA VAL E 72 -19.25 8.45 14.75
C VAL E 72 -18.59 8.34 16.13
N ARG E 73 -17.27 8.65 16.20
CA ARG E 73 -16.50 8.66 17.44
C ARG E 73 -17.04 9.79 18.31
N ILE E 74 -17.52 9.45 19.51
CA ILE E 74 -18.10 10.47 20.38
C ILE E 74 -17.00 11.35 21.04
N PRO E 75 -17.30 12.62 21.46
CA PRO E 75 -16.24 13.43 22.09
C PRO E 75 -15.80 12.80 23.39
N GLU E 76 -14.54 13.04 23.76
CA GLU E 76 -13.89 12.51 24.95
C GLU E 76 -14.56 12.96 26.23
N GLN E 77 -14.75 12.02 27.20
CA GLN E 77 -15.29 12.29 28.54
C GLN E 77 -16.55 13.20 28.51
N THR E 78 -17.44 12.95 27.54
CA THR E 78 -18.70 13.67 27.33
C THR E 78 -19.88 12.69 27.27
N TYR E 79 -20.95 12.99 28.00
CA TYR E 79 -22.17 12.18 27.98
C TYR E 79 -22.96 12.41 26.68
N ILE E 80 -23.26 11.32 25.98
CA ILE E 80 -24.05 11.30 24.76
C ILE E 80 -25.33 10.52 25.05
N THR E 81 -26.49 11.13 24.79
CA THR E 81 -27.78 10.49 25.01
C THR E 81 -27.98 9.39 23.98
N LEU E 82 -28.33 8.19 24.48
CA LEU E 82 -28.61 7.04 23.64
C LEU E 82 -30.08 7.09 23.22
N LYS E 83 -30.32 6.96 21.92
CA LYS E 83 -31.67 7.02 21.36
C LYS E 83 -32.02 5.66 20.78
N LEU E 84 -33.33 5.39 20.62
CA LEU E 84 -33.85 4.16 20.04
C LEU E 84 -33.24 3.90 18.67
N GLU E 85 -32.76 2.67 18.44
CA GLU E 85 -32.16 2.17 17.19
C GLU E 85 -30.71 2.67 16.96
N ASP E 86 -30.12 3.41 17.93
CA ASP E 86 -28.71 3.83 17.82
C ASP E 86 -27.84 2.59 17.76
N LYS E 87 -26.76 2.63 16.96
CA LYS E 87 -25.82 1.52 16.86
C LYS E 87 -24.59 1.91 17.65
N LEU E 88 -24.28 1.11 18.69
CA LEU E 88 -23.21 1.39 19.64
C LEU E 88 -22.11 0.34 19.58
N ARG E 89 -20.87 0.81 19.41
CA ARG E 89 -19.67 -0.03 19.36
C ARG E 89 -18.57 0.56 20.26
N PHE E 90 -17.92 -0.30 21.04
CA PHE E 90 -16.83 0.11 21.94
C PHE E 90 -15.54 -0.35 21.28
N GLY E 91 -14.61 0.60 21.09
CA GLY E 91 -13.35 0.37 20.39
C GLY E 91 -13.62 -0.27 19.03
N TYR E 92 -12.99 -1.41 18.76
CA TYR E 92 -13.19 -2.17 17.51
C TYR E 92 -13.68 -3.57 17.85
N ASP E 93 -14.46 -3.69 18.95
CA ASP E 93 -15.09 -4.94 19.37
C ASP E 93 -16.09 -5.36 18.26
N THR E 94 -16.26 -6.68 18.05
CA THR E 94 -17.12 -7.21 16.99
C THR E 94 -18.62 -7.06 17.31
N ASN E 95 -18.97 -6.80 18.60
CA ASN E 95 -20.36 -6.63 18.98
C ASN E 95 -20.84 -5.26 18.59
N LEU E 96 -21.86 -5.22 17.76
CA LEU E 96 -22.53 -3.99 17.43
C LEU E 96 -23.84 -4.05 18.20
N PHE E 97 -24.04 -3.12 19.13
CA PHE E 97 -25.23 -3.11 19.96
C PHE E 97 -26.29 -2.16 19.40
N THR E 98 -27.56 -2.60 19.40
CA THR E 98 -28.71 -1.82 18.97
C THR E 98 -29.46 -1.39 20.25
N VAL E 99 -29.61 -0.06 20.47
CA VAL E 99 -30.30 0.51 21.62
C VAL E 99 -31.80 0.30 21.41
N VAL E 100 -32.42 -0.57 22.24
CA VAL E 100 -33.85 -0.86 22.13
C VAL E 100 -34.53 -0.71 23.50
N GLN E 101 -35.84 -0.53 23.50
CA GLN E 101 -36.64 -0.42 24.71
C GLN E 101 -37.80 -1.37 24.56
N GLY E 102 -38.13 -2.06 25.64
CA GLY E 102 -39.23 -3.00 25.62
C GLY E 102 -39.29 -3.85 26.86
N GLU E 103 -40.00 -4.97 26.71
CA GLU E 103 -40.24 -5.95 27.75
C GLU E 103 -39.22 -7.03 27.72
N MET E 104 -38.79 -7.45 28.90
CA MET E 104 -37.84 -8.54 29.05
C MET E 104 -38.47 -9.53 29.98
N ARG E 105 -38.48 -10.80 29.57
CA ARG E 105 -39.04 -11.89 30.34
C ARG E 105 -38.37 -12.00 31.73
N VAL E 106 -39.20 -12.10 32.77
CA VAL E 106 -38.78 -12.29 34.15
C VAL E 106 -39.02 -13.78 34.48
N PRO E 107 -37.96 -14.61 34.68
CA PRO E 107 -38.19 -16.03 35.02
C PRO E 107 -39.01 -16.17 36.30
N GLU E 108 -39.86 -17.21 36.37
CA GLU E 108 -40.72 -17.50 37.53
C GLU E 108 -39.89 -17.67 38.82
N GLU E 109 -38.64 -18.13 38.71
CA GLU E 109 -37.73 -18.35 39.85
C GLU E 109 -37.44 -17.04 40.56
N ALA E 110 -37.27 -15.94 39.78
CA ALA E 110 -36.95 -14.60 40.30
C ALA E 110 -38.09 -14.04 41.17
N LEU E 111 -39.30 -14.59 41.02
CA LEU E 111 -40.49 -14.17 41.80
C LEU E 111 -40.39 -14.68 43.22
N LYS E 112 -39.45 -15.60 43.49
CA LYS E 112 -39.22 -16.16 44.82
C LYS E 112 -38.21 -15.29 45.57
N HIS E 113 -37.61 -14.30 44.89
CA HIS E 113 -36.63 -13.39 45.48
C HIS E 113 -37.33 -12.11 45.91
N GLU E 114 -37.48 -11.92 47.24
CA GLU E 114 -38.15 -10.78 47.89
C GLU E 114 -37.57 -9.43 47.46
N LYS E 115 -36.25 -9.24 47.56
CA LYS E 115 -35.57 -7.98 47.20
C LYS E 115 -35.79 -7.63 45.71
N PHE E 116 -35.68 -8.63 44.82
CA PHE E 116 -35.93 -8.44 43.40
C PHE E 116 -37.41 -8.05 43.16
N THR E 117 -38.37 -8.77 43.83
CA THR E 117 -39.82 -8.60 43.75
C THR E 117 -40.27 -7.18 44.21
N ILE E 118 -39.59 -6.60 45.21
CA ILE E 118 -39.88 -5.25 45.72
C ILE E 118 -39.47 -4.23 44.64
N GLN E 119 -38.23 -4.37 44.10
CA GLN E 119 -37.69 -3.51 43.04
C GLN E 119 -38.50 -3.65 41.73
N LEU E 120 -39.15 -4.81 41.51
CA LEU E 120 -40.00 -5.07 40.34
C LEU E 120 -41.35 -4.36 40.51
N GLN E 121 -41.96 -4.48 41.72
CA GLN E 121 -43.24 -3.88 42.11
C GLN E 121 -43.14 -2.33 42.10
N LEU E 122 -41.99 -1.78 42.51
CA LEU E 122 -41.76 -0.32 42.56
C LEU E 122 -41.44 0.25 41.17
C1 GOL F . 14.95 10.05 -22.65
O1 GOL F . 15.43 8.71 -22.61
C2 GOL F . 15.08 10.76 -21.32
O2 GOL F . 16.45 10.78 -20.89
C3 GOL F . 14.24 10.12 -20.26
O3 GOL F . 12.92 9.89 -20.72
#